data_3MOR
#
_entry.id   3MOR
#
_cell.length_a   53.910
_cell.length_b   75.490
_cell.length_c   75.600
_cell.angle_alpha   90.00
_cell.angle_beta   104.80
_cell.angle_gamma   90.00
#
_symmetry.space_group_name_H-M   'P 1 21 1'
#
loop_
_entity.id
_entity.type
_entity.pdbx_description
1 polymer 'Cathepsin B-like cysteine protease'
2 branched 2-acetamido-2-deoxy-beta-D-glucopyranose-(1-4)-2-acetamido-2-deoxy-beta-D-glucopyranose
3 non-polymer GLYCEROL
4 non-polymer 'SODIUM ION'
5 non-polymer 'CHLORIDE ION'
6 water water
#
_entity_poly.entity_id   1
_entity_poly.type   'polypeptide(L)'
_entity_poly.pdbx_seq_one_letter_code
;LVAEDAPVLSKAFVDRVNRLNRGIWKAKYDGVMQNITLREAKRLNGVIKKNNNASILPKRRFTEEEARAPLPSSFDSAEA
WPNCPTIPQIADQSACGSCWAVAAASAMSDRFCTMGGVQDVHISAGDLLACCSDCGDGCNGGDPDRAWAYFSSTGLVSDY
CQPYPFPHCSHHSKSKNGYPPCSQFNFDTPKCNYTCDDPTIPVVNYRSWTSYALQGEDDYMRELFFRGPFEVAFDVYEDF
IAYNSGVYHHVSGQYLGGHAVRLVGWGTSNGVPYWKIANSWNTEWGMDGYFLIRRGSSECGIEDGGSAGIPLAPNTA
;
_entity_poly.pdbx_strand_id   A,B
#
loop_
_chem_comp.id
_chem_comp.type
_chem_comp.name
_chem_comp.formula
CL non-polymer 'CHLORIDE ION' 'Cl -1'
GOL non-polymer GLYCEROL 'C3 H8 O3'
NA non-polymer 'SODIUM ION' 'Na 1'
NAG D-saccharide, beta linking 2-acetamido-2-deoxy-beta-D-glucopyranose 'C8 H15 N O6'
#
# COMPACT_ATOMS: atom_id res chain seq x y z
N SER A 55 31.25 6.94 -13.22
CA SER A 55 30.15 6.17 -12.54
C SER A 55 30.63 4.77 -12.14
N ILE A 56 30.20 4.33 -10.96
CA ILE A 56 30.52 2.99 -10.46
C ILE A 56 29.57 1.94 -11.02
N LEU A 57 28.39 2.38 -11.45
CA LEU A 57 27.39 1.48 -12.05
C LEU A 57 27.66 1.30 -13.54
N PRO A 58 27.30 0.11 -14.07
CA PRO A 58 27.33 -0.11 -15.52
C PRO A 58 26.30 0.76 -16.24
N LYS A 59 26.62 1.17 -17.47
CA LYS A 59 25.71 1.97 -18.27
C LYS A 59 24.53 1.14 -18.77
N ARG A 60 23.35 1.76 -18.78
CA ARG A 60 22.15 1.13 -19.31
C ARG A 60 22.27 0.94 -20.82
N ARG A 61 22.11 -0.28 -21.27
CA ARG A 61 21.95 -0.57 -22.68
C ARG A 61 20.49 -0.89 -22.98
N PHE A 62 19.96 -0.26 -24.03
CA PHE A 62 18.60 -0.51 -24.44
C PHE A 62 18.56 -1.59 -25.50
N THR A 63 17.56 -2.47 -25.41
CA THR A 63 17.33 -3.46 -26.44
C THR A 63 17.02 -2.79 -27.78
N GLU A 64 17.08 -3.56 -28.86
CA GLU A 64 16.71 -3.07 -30.18
C GLU A 64 15.25 -2.61 -30.21
N GLU A 65 14.40 -3.25 -29.41
CA GLU A 65 12.97 -2.92 -29.36
C GLU A 65 12.70 -1.66 -28.56
N GLU A 66 13.31 -1.56 -27.38
CA GLU A 66 13.26 -0.34 -26.58
C GLU A 66 13.76 0.87 -27.36
N ALA A 67 14.84 0.67 -28.12
CA ALA A 67 15.54 1.77 -28.79
C ALA A 67 14.71 2.43 -29.90
N ARG A 68 13.95 1.61 -30.62
CA ARG A 68 13.21 2.10 -31.79
C ARG A 68 11.82 2.63 -31.45
N ALA A 69 11.44 2.58 -30.18
CA ALA A 69 10.15 3.10 -29.73
C ALA A 69 10.04 4.59 -29.99
N PRO A 70 8.93 5.02 -30.62
CA PRO A 70 8.68 6.43 -30.84
C PRO A 70 8.08 7.08 -29.60
N LEU A 71 8.91 7.79 -28.84
CA LEU A 71 8.50 8.35 -27.57
C LEU A 71 7.58 9.55 -27.77
N PRO A 72 6.53 9.67 -26.94
CA PRO A 72 5.56 10.74 -27.08
C PRO A 72 6.17 12.10 -26.72
N SER A 73 5.57 13.18 -27.23
CA SER A 73 6.08 14.52 -26.97
C SER A 73 5.97 14.90 -25.48
N SER A 74 5.02 14.27 -24.78
CA SER A 74 4.90 14.42 -23.32
C SER A 74 4.64 13.06 -22.65
N PHE A 75 4.92 12.98 -21.36
CA PHE A 75 4.77 11.72 -20.62
C PHE A 75 4.73 11.98 -19.12
N ASP A 76 3.83 11.28 -18.42
CA ASP A 76 3.72 11.37 -16.96
C ASP A 76 3.60 9.98 -16.35
N SER A 77 4.50 9.67 -15.42
CA SER A 77 4.55 8.35 -14.80
C SER A 77 3.26 7.98 -14.06
N ALA A 78 2.64 8.98 -13.43
CA ALA A 78 1.39 8.76 -12.70
C ALA A 78 0.24 8.38 -13.62
N GLU A 79 0.20 8.97 -14.81
N GLU A 79 0.16 9.00 -14.80
CA GLU A 79 -0.82 8.67 -15.80
CA GLU A 79 -0.83 8.64 -15.81
C GLU A 79 -0.49 7.39 -16.60
C GLU A 79 -0.50 7.29 -16.44
N ALA A 80 0.79 7.04 -16.65
CA ALA A 80 1.25 5.81 -17.29
C ALA A 80 0.94 4.57 -16.43
N TRP A 81 1.19 4.69 -15.12
CA TRP A 81 0.84 3.64 -14.18
C TRP A 81 -0.11 4.20 -13.11
N PRO A 82 -1.41 4.33 -13.47
CA PRO A 82 -2.39 5.01 -12.60
C PRO A 82 -2.75 4.19 -11.36
N ASN A 83 -2.34 2.92 -11.33
CA ASN A 83 -2.60 2.04 -10.20
C ASN A 83 -1.40 1.91 -9.29
N CYS A 84 -0.47 2.84 -9.40
CA CYS A 84 0.70 2.89 -8.53
C CYS A 84 0.67 4.15 -7.65
N PRO A 85 0.20 4.02 -6.41
CA PRO A 85 -0.12 5.16 -5.54
C PRO A 85 1.12 5.90 -5.00
N THR A 86 2.29 5.25 -4.99
CA THR A 86 3.51 5.89 -4.46
C THR A 86 4.04 6.99 -5.39
N ILE A 87 3.75 6.86 -6.68
CA ILE A 87 4.31 7.77 -7.70
C ILE A 87 3.96 9.25 -7.45
N PRO A 88 2.66 9.57 -7.25
CA PRO A 88 2.28 10.97 -7.08
C PRO A 88 2.54 11.54 -5.68
N GLN A 89 3.04 10.69 -4.77
CA GLN A 89 3.34 11.12 -3.41
C GLN A 89 4.66 11.88 -3.33
N ILE A 90 4.68 12.96 -2.56
CA ILE A 90 5.85 13.82 -2.43
C ILE A 90 6.49 13.69 -1.04
N ALA A 91 7.82 13.55 -1.01
CA ALA A 91 8.55 13.30 0.22
C ALA A 91 8.97 14.58 0.91
N ASP A 92 9.32 14.47 2.19
CA ASP A 92 9.97 15.55 2.92
C ASP A 92 11.23 15.05 3.62
N GLN A 93 12.39 15.47 3.13
CA GLN A 93 13.66 15.02 3.67
C GLN A 93 13.99 15.68 5.02
N SER A 94 13.25 16.75 5.34
CA SER A 94 13.46 17.50 6.59
C SER A 94 14.82 18.19 6.65
N ALA A 95 15.21 18.64 7.85
CA ALA A 95 16.46 19.38 8.04
C ALA A 95 17.68 18.46 8.01
N CYS A 96 17.86 17.78 6.88
CA CYS A 96 18.92 16.80 6.71
C CYS A 96 19.32 16.73 5.23
N GLY A 97 20.60 16.53 4.98
CA GLY A 97 21.10 16.39 3.60
C GLY A 97 20.93 14.98 3.07
N SER A 98 19.72 14.44 3.19
CA SER A 98 19.44 13.06 2.84
C SER A 98 18.73 12.93 1.49
N CYS A 99 18.80 13.99 0.69
CA CYS A 99 18.17 14.00 -0.64
C CYS A 99 18.60 12.80 -1.49
N TRP A 100 19.89 12.47 -1.43
CA TRP A 100 20.44 11.31 -2.13
C TRP A 100 19.70 10.01 -1.76
N ALA A 101 19.30 9.89 -0.50
CA ALA A 101 18.64 8.68 -0.02
C ALA A 101 17.13 8.72 -0.22
N VAL A 102 16.55 9.91 -0.08
CA VAL A 102 15.10 10.08 -0.11
C VAL A 102 14.54 9.95 -1.52
N ALA A 103 15.24 10.54 -2.49
CA ALA A 103 14.87 10.43 -3.89
C ALA A 103 15.02 8.99 -4.39
N ALA A 104 16.07 8.31 -3.92
CA ALA A 104 16.30 6.91 -4.25
C ALA A 104 15.16 6.02 -3.74
N ALA A 105 14.83 6.14 -2.45
CA ALA A 105 13.79 5.32 -1.83
C ALA A 105 12.42 5.54 -2.46
N SER A 106 12.15 6.78 -2.86
CA SER A 106 10.92 7.10 -3.57
C SER A 106 10.83 6.36 -4.91
N ALA A 107 11.90 6.41 -5.70
CA ALA A 107 11.93 5.77 -7.02
C ALA A 107 11.89 4.24 -6.90
N MET A 108 12.58 3.70 -5.90
CA MET A 108 12.57 2.26 -5.62
C MET A 108 11.15 1.79 -5.23
N SER A 109 10.45 2.63 -4.47
CA SER A 109 9.06 2.39 -4.12
C SER A 109 8.17 2.36 -5.37
N ASP A 110 8.39 3.32 -6.27
CA ASP A 110 7.65 3.40 -7.53
C ASP A 110 7.90 2.18 -8.40
N ARG A 111 9.16 1.74 -8.43
CA ARG A 111 9.58 0.70 -9.35
C ARG A 111 9.19 -0.69 -8.88
N PHE A 112 8.88 -0.82 -7.60
CA PHE A 112 8.28 -2.05 -7.08
C PHE A 112 6.87 -2.22 -7.59
N CYS A 113 6.23 -1.11 -7.96
CA CYS A 113 4.91 -1.16 -8.58
C CYS A 113 5.00 -1.26 -10.10
N THR A 114 5.89 -0.50 -10.71
CA THR A 114 6.03 -0.52 -12.17
C THR A 114 6.65 -1.83 -12.67
N MET A 115 7.53 -2.43 -11.85
CA MET A 115 8.27 -3.63 -12.26
C MET A 115 8.15 -4.80 -11.28
N GLY A 116 8.18 -4.50 -9.98
CA GLY A 116 8.37 -5.53 -8.95
C GLY A 116 7.12 -6.32 -8.58
N GLY A 117 5.96 -5.85 -9.01
CA GLY A 117 4.70 -6.56 -8.79
C GLY A 117 4.07 -6.30 -7.43
N VAL A 118 4.58 -5.29 -6.72
CA VAL A 118 4.03 -4.90 -5.43
C VAL A 118 3.43 -3.48 -5.52
N GLN A 119 2.14 -3.36 -5.27
CA GLN A 119 1.41 -2.13 -5.56
C GLN A 119 1.81 -0.94 -4.68
N ASP A 120 1.86 -1.14 -3.36
CA ASP A 120 2.11 -0.04 -2.43
C ASP A 120 3.07 -0.42 -1.31
N VAL A 121 4.36 -0.43 -1.64
CA VAL A 121 5.41 -0.53 -0.62
C VAL A 121 6.29 0.71 -0.63
N HIS A 122 6.47 1.31 0.54
CA HIS A 122 7.35 2.47 0.67
C HIS A 122 8.70 2.02 1.19
N ILE A 123 9.74 2.24 0.40
CA ILE A 123 11.10 1.87 0.80
C ILE A 123 11.65 2.89 1.78
N SER A 124 12.26 2.41 2.86
CA SER A 124 12.72 3.27 3.95
C SER A 124 13.98 4.05 3.58
N ALA A 125 13.81 5.36 3.38
CA ALA A 125 14.95 6.25 3.16
C ALA A 125 15.86 6.26 4.37
N GLY A 126 15.26 6.22 5.56
CA GLY A 126 16.01 6.18 6.83
C GLY A 126 17.00 5.03 6.88
N ASP A 127 16.54 3.83 6.53
CA ASP A 127 17.40 2.65 6.50
C ASP A 127 18.61 2.87 5.60
N LEU A 128 18.36 3.32 4.37
CA LEU A 128 19.42 3.65 3.42
C LEU A 128 20.32 4.75 3.94
N LEU A 129 19.72 5.81 4.48
CA LEU A 129 20.45 6.95 5.01
C LEU A 129 21.45 6.54 6.08
N ALA A 130 21.02 5.68 7.00
CA ALA A 130 21.80 5.35 8.18
C ALA A 130 22.81 4.22 7.95
N CYS A 131 22.43 3.24 7.14
CA CYS A 131 23.18 1.98 7.07
C CYS A 131 24.19 1.91 5.92
N CYS A 132 23.98 2.71 4.87
CA CYS A 132 24.95 2.79 3.79
C CYS A 132 26.02 3.83 4.10
N SER A 133 27.04 3.41 4.83
CA SER A 133 28.17 4.28 5.16
C SER A 133 29.13 4.45 3.98
N ASP A 134 29.09 3.50 3.05
CA ASP A 134 29.86 3.60 1.80
C ASP A 134 29.19 4.52 0.78
N CYS A 135 27.98 4.97 1.09
CA CYS A 135 27.22 5.83 0.19
C CYS A 135 27.64 7.30 0.30
N GLY A 136 28.06 7.70 1.49
CA GLY A 136 28.48 9.07 1.75
C GLY A 136 28.61 9.33 3.24
N ASP A 137 28.16 10.50 3.69
CA ASP A 137 28.18 10.84 5.11
C ASP A 137 26.78 11.19 5.63
N GLY A 138 25.84 10.27 5.43
CA GLY A 138 24.49 10.40 5.97
C GLY A 138 23.83 11.74 5.68
N CYS A 139 23.49 12.46 6.74
CA CYS A 139 22.80 13.75 6.62
C CYS A 139 23.68 14.86 6.06
N ASN A 140 24.94 14.53 5.76
CA ASN A 140 25.87 15.50 5.21
C ASN A 140 26.11 15.32 3.71
N GLY A 141 25.33 14.43 3.08
CA GLY A 141 25.41 14.21 1.64
C GLY A 141 25.85 12.81 1.27
N GLY A 142 25.44 12.36 0.08
CA GLY A 142 25.80 11.03 -0.40
C GLY A 142 25.76 10.92 -1.91
N ASP A 143 25.91 9.71 -2.42
CA ASP A 143 25.96 9.45 -3.86
C ASP A 143 24.80 8.55 -4.29
N PRO A 144 23.94 9.06 -5.20
CA PRO A 144 22.81 8.29 -5.76
C PRO A 144 23.22 6.92 -6.31
N ASP A 145 24.32 6.87 -7.08
CA ASP A 145 24.83 5.63 -7.64
C ASP A 145 25.03 4.54 -6.58
N ARG A 146 25.71 4.90 -5.50
CA ARG A 146 26.02 3.95 -4.43
C ARG A 146 24.77 3.54 -3.64
N ALA A 147 23.77 4.41 -3.63
CA ALA A 147 22.49 4.12 -2.97
C ALA A 147 21.73 3.00 -3.69
N TRP A 148 21.81 2.98 -5.01
CA TRP A 148 21.17 1.93 -5.80
C TRP A 148 21.98 0.63 -5.78
N ALA A 149 23.31 0.77 -5.73
CA ALA A 149 24.19 -0.38 -5.55
C ALA A 149 23.88 -1.12 -4.24
N TYR A 150 23.57 -0.35 -3.21
CA TYR A 150 23.23 -0.90 -1.88
C TYR A 150 21.87 -1.59 -1.89
N PHE A 151 20.98 -1.11 -2.74
CA PHE A 151 19.63 -1.68 -2.85
C PHE A 151 19.66 -3.13 -3.37
N SER A 152 20.66 -3.45 -4.19
CA SER A 152 20.81 -4.80 -4.74
C SER A 152 21.69 -5.70 -3.89
N SER A 153 22.79 -5.16 -3.37
CA SER A 153 23.80 -5.96 -2.69
C SER A 153 23.44 -6.28 -1.25
N THR A 154 22.53 -5.50 -0.67
CA THR A 154 22.18 -5.63 0.74
C THR A 154 20.67 -5.57 0.95
N GLY A 155 20.02 -4.58 0.33
CA GLY A 155 18.58 -4.44 0.43
C GLY A 155 18.14 -3.42 1.47
N LEU A 156 16.87 -3.08 1.45
CA LEU A 156 16.31 -2.07 2.35
C LEU A 156 14.97 -2.51 2.92
N VAL A 157 14.72 -2.14 4.17
CA VAL A 157 13.41 -2.36 4.78
C VAL A 157 12.41 -1.32 4.28
N SER A 158 11.16 -1.44 4.74
CA SER A 158 10.11 -0.53 4.31
C SER A 158 9.89 0.61 5.30
N ASP A 159 9.13 1.62 4.85
CA ASP A 159 8.72 2.75 5.70
C ASP A 159 7.96 2.28 6.94
N TYR A 160 7.30 1.12 6.82
CA TYR A 160 6.49 0.56 7.89
C TYR A 160 7.37 -0.06 8.98
N CYS A 161 8.46 -0.70 8.56
CA CYS A 161 9.42 -1.27 9.48
C CYS A 161 10.24 -0.18 10.19
N GLN A 162 10.72 0.78 9.41
CA GLN A 162 11.54 1.86 9.94
C GLN A 162 11.12 3.22 9.36
N PRO A 163 10.11 3.87 9.97
CA PRO A 163 9.58 5.15 9.49
C PRO A 163 10.65 6.23 9.49
N TYR A 164 10.54 7.16 8.54
CA TYR A 164 11.47 8.28 8.44
C TYR A 164 11.52 9.06 9.75
N PRO A 165 12.71 9.20 10.34
CA PRO A 165 12.88 9.66 11.73
C PRO A 165 12.72 11.17 11.92
N PHE A 166 12.63 11.92 10.82
CA PHE A 166 12.54 13.38 10.90
C PHE A 166 11.18 13.92 10.46
N PRO A 167 10.63 14.90 11.20
CA PRO A 167 9.30 15.43 10.94
C PRO A 167 9.26 16.43 9.76
N HIS A 168 8.06 16.84 9.38
CA HIS A 168 7.88 17.91 8.38
C HIS A 168 8.51 19.21 8.85
N CYS A 169 9.15 19.92 7.92
CA CYS A 169 9.54 21.32 8.15
C CYS A 169 9.56 22.14 6.86
N SER A 170 9.53 23.47 6.99
CA SER A 170 9.44 24.37 5.85
C SER A 170 10.80 24.70 5.27
N HIS A 171 10.94 24.56 3.95
CA HIS A 171 12.23 24.69 3.29
C HIS A 171 12.44 26.07 2.66
N HIS A 172 11.42 26.58 1.99
CA HIS A 172 11.49 27.91 1.37
C HIS A 172 11.28 29.03 2.39
N SER A 173 10.03 29.21 2.82
CA SER A 173 9.68 30.30 3.75
C SER A 173 8.46 29.97 4.60
N LYS A 174 7.27 30.39 4.13
CA LYS A 174 6.03 30.28 4.91
C LYS A 174 5.39 28.90 4.79
N SER A 175 4.92 28.37 5.92
CA SER A 175 4.27 27.07 5.95
C SER A 175 2.79 27.19 6.29
N LYS A 176 1.93 26.89 5.33
CA LYS A 176 0.49 27.02 5.50
C LYS A 176 -0.07 25.97 6.45
N ASN A 177 0.65 24.85 6.59
CA ASN A 177 0.26 23.77 7.51
C ASN A 177 0.87 23.95 8.90
N GLY A 178 1.80 24.90 9.03
CA GLY A 178 2.38 25.25 10.31
C GLY A 178 3.59 24.42 10.68
N TYR A 179 4.38 24.05 9.68
CA TYR A 179 5.65 23.39 9.92
C TYR A 179 6.66 24.43 10.42
N PRO A 180 7.48 24.04 11.41
CA PRO A 180 8.60 24.89 11.82
C PRO A 180 9.60 25.05 10.67
N PRO A 181 10.39 26.14 10.69
CA PRO A 181 11.46 26.27 9.71
C PRO A 181 12.45 25.11 9.85
N CYS A 182 13.04 24.69 8.74
CA CYS A 182 14.03 23.62 8.78
C CYS A 182 15.35 24.13 9.35
N SER A 183 15.58 25.44 9.26
CA SER A 183 16.77 26.08 9.83
C SER A 183 16.75 26.03 11.37
N GLN A 184 15.55 25.87 11.93
CA GLN A 184 15.39 25.71 13.37
C GLN A 184 15.97 24.38 13.88
N PHE A 185 16.01 23.37 12.99
CA PHE A 185 16.48 22.04 13.36
C PHE A 185 17.93 21.79 12.92
N ASN A 186 18.64 21.02 13.74
CA ASN A 186 19.95 20.50 13.37
C ASN A 186 20.03 19.01 13.65
N PHE A 187 19.90 18.20 12.59
CA PHE A 187 19.77 16.74 12.73
C PHE A 187 21.05 16.01 12.36
N ASP A 188 21.51 15.12 13.24
CA ASP A 188 22.61 14.22 12.93
C ASP A 188 22.10 13.02 12.15
N THR A 189 23.01 12.34 11.45
CA THR A 189 22.72 11.04 10.84
C THR A 189 22.22 10.05 11.90
N PRO A 190 21.02 9.48 11.68
CA PRO A 190 20.43 8.52 12.63
C PRO A 190 21.23 7.21 12.70
N LYS A 191 21.04 6.48 13.80
CA LYS A 191 21.71 5.19 14.00
C LYS A 191 21.13 4.12 13.08
N CYS A 192 22.01 3.28 12.54
CA CYS A 192 21.60 2.16 11.71
C CYS A 192 21.00 1.02 12.56
N ASN A 193 19.71 0.77 12.36
CA ASN A 193 19.01 -0.27 13.11
C ASN A 193 18.75 -1.53 12.29
N TYR A 194 18.68 -2.67 12.96
CA TYR A 194 18.52 -3.95 12.29
C TYR A 194 17.23 -4.66 12.69
N THR A 195 16.47 -4.02 13.57
CA THR A 195 15.10 -4.42 13.84
C THR A 195 14.14 -3.29 13.48
N CYS A 196 12.89 -3.63 13.20
CA CYS A 196 11.85 -2.62 13.00
C CYS A 196 11.66 -1.79 14.29
N ASP A 197 11.37 -0.50 14.12
CA ASP A 197 11.20 0.40 15.26
C ASP A 197 10.28 -0.19 16.32
N ASP A 198 9.12 -0.69 15.87
CA ASP A 198 8.32 -1.61 16.66
C ASP A 198 8.81 -3.03 16.40
N PRO A 199 9.57 -3.60 17.37
CA PRO A 199 10.35 -4.81 17.14
C PRO A 199 9.49 -6.04 16.88
N THR A 200 8.18 -5.92 17.11
CA THR A 200 7.26 -7.04 16.93
C THR A 200 6.82 -7.19 15.47
N ILE A 201 6.99 -6.13 14.68
CA ILE A 201 6.82 -6.20 13.23
C ILE A 201 8.03 -6.91 12.60
N PRO A 202 7.77 -8.01 11.86
CA PRO A 202 8.85 -8.77 11.26
C PRO A 202 9.63 -7.95 10.24
N VAL A 203 10.95 -8.14 10.19
CA VAL A 203 11.77 -7.50 9.17
C VAL A 203 11.55 -8.16 7.82
N VAL A 204 11.12 -7.36 6.86
CA VAL A 204 11.01 -7.79 5.47
C VAL A 204 12.02 -7.01 4.64
N ASN A 205 12.91 -7.74 3.97
CA ASN A 205 14.00 -7.09 3.22
C ASN A 205 13.71 -7.03 1.72
N TYR A 206 13.82 -5.84 1.14
CA TYR A 206 13.51 -5.62 -0.26
C TYR A 206 14.76 -5.34 -1.07
N ARG A 207 14.89 -6.04 -2.20
CA ARG A 207 16.10 -6.02 -3.00
C ARG A 207 15.82 -5.64 -4.45
N SER A 208 16.81 -5.07 -5.12
CA SER A 208 16.87 -5.09 -6.58
C SER A 208 17.83 -6.19 -7.03
N TRP A 209 17.78 -6.56 -8.30
CA TRP A 209 18.69 -7.58 -8.83
C TRP A 209 19.71 -7.03 -9.84
N THR A 210 19.59 -5.75 -10.15
CA THR A 210 20.56 -5.06 -11.01
C THR A 210 20.49 -3.53 -10.84
N SER A 211 21.62 -2.87 -11.04
CA SER A 211 21.68 -1.40 -11.01
C SER A 211 22.43 -0.88 -12.23
N TYR A 212 21.99 0.26 -12.74
CA TYR A 212 22.64 0.86 -13.91
C TYR A 212 22.58 2.38 -13.91
N ALA A 213 23.47 2.99 -14.69
CA ALA A 213 23.55 4.45 -14.81
C ALA A 213 22.95 4.94 -16.13
N LEU A 214 22.52 6.19 -16.15
CA LEU A 214 21.90 6.79 -17.33
C LEU A 214 22.48 8.16 -17.61
N GLN A 215 22.52 8.54 -18.89
CA GLN A 215 23.11 9.81 -19.29
C GLN A 215 22.42 10.36 -20.55
N GLY A 216 22.02 11.63 -20.49
CA GLY A 216 21.47 12.32 -21.65
C GLY A 216 19.96 12.26 -21.78
N GLU A 217 19.40 13.14 -22.60
CA GLU A 217 17.96 13.28 -22.76
C GLU A 217 17.24 11.98 -23.17
N ASP A 218 17.81 11.28 -24.16
CA ASP A 218 17.17 10.08 -24.72
C ASP A 218 17.10 8.93 -23.70
N ASP A 219 18.24 8.63 -23.06
CA ASP A 219 18.27 7.65 -21.96
C ASP A 219 17.18 7.92 -20.93
N TYR A 220 17.19 9.15 -20.39
CA TYR A 220 16.22 9.57 -19.40
C TYR A 220 14.80 9.27 -19.86
N MET A 221 14.45 9.76 -21.04
CA MET A 221 13.12 9.57 -21.59
C MET A 221 12.79 8.09 -21.80
N ARG A 222 13.71 7.37 -22.46
CA ARG A 222 13.48 5.97 -22.80
C ARG A 222 13.33 5.09 -21.57
N GLU A 223 14.20 5.32 -20.58
CA GLU A 223 14.16 4.57 -19.31
C GLU A 223 12.88 4.87 -18.54
N LEU A 224 12.56 6.15 -18.41
CA LEU A 224 11.33 6.59 -17.76
C LEU A 224 10.11 5.94 -18.41
N PHE A 225 10.09 5.91 -19.74
CA PHE A 225 8.94 5.39 -20.47
C PHE A 225 8.70 3.90 -20.19
N PHE A 226 9.79 3.13 -20.15
CA PHE A 226 9.68 1.68 -20.03
C PHE A 226 9.56 1.20 -18.59
N ARG A 227 10.16 1.92 -17.65
CA ARG A 227 10.40 1.38 -16.30
C ARG A 227 10.05 2.35 -15.15
N GLY A 228 9.82 3.61 -15.49
CA GLY A 228 9.31 4.57 -14.51
C GLY A 228 10.38 5.42 -13.84
N PRO A 229 10.00 6.13 -12.76
CA PRO A 229 10.82 7.14 -12.09
C PRO A 229 12.17 6.62 -11.64
N PHE A 230 13.19 7.46 -11.77
CA PHE A 230 14.52 7.15 -11.26
C PHE A 230 15.19 8.40 -10.70
N GLU A 231 16.40 8.25 -10.21
CA GLU A 231 17.09 9.33 -9.51
C GLU A 231 18.06 10.09 -10.42
N VAL A 232 17.95 11.42 -10.39
CA VAL A 232 18.88 12.30 -11.10
C VAL A 232 19.48 13.32 -10.13
N ALA A 233 20.45 14.09 -10.61
CA ALA A 233 21.10 15.11 -9.78
C ALA A 233 21.46 16.36 -10.57
N PHE A 234 21.41 17.52 -9.91
CA PHE A 234 21.69 18.81 -10.56
C PHE A 234 22.22 19.83 -9.54
N ASP A 235 22.86 20.88 -10.06
CA ASP A 235 23.41 21.95 -9.22
C ASP A 235 22.31 22.96 -8.84
N VAL A 236 22.24 23.27 -7.55
CA VAL A 236 21.28 24.25 -7.06
C VAL A 236 21.91 25.65 -6.98
N TYR A 237 21.19 26.64 -7.48
CA TYR A 237 21.58 28.03 -7.34
C TYR A 237 20.49 28.80 -6.57
N GLU A 238 20.85 29.97 -6.04
CA GLU A 238 19.96 30.74 -5.15
C GLU A 238 18.55 30.95 -5.73
N ASP A 239 18.46 31.13 -7.04
CA ASP A 239 17.18 31.47 -7.68
C ASP A 239 16.22 30.29 -7.78
N PHE A 240 16.73 29.09 -7.51
CA PHE A 240 15.92 27.87 -7.53
C PHE A 240 15.06 27.75 -6.28
N ILE A 241 15.56 28.26 -5.16
CA ILE A 241 14.92 28.07 -3.85
C ILE A 241 13.48 28.59 -3.80
N ALA A 242 13.22 29.67 -4.54
CA ALA A 242 11.90 30.32 -4.50
C ALA A 242 11.03 29.97 -5.70
N TYR A 243 11.48 29.00 -6.51
CA TYR A 243 10.68 28.52 -7.63
C TYR A 243 9.29 28.10 -7.15
N ASN A 244 8.26 28.51 -7.89
CA ASN A 244 6.90 28.08 -7.61
C ASN A 244 6.08 27.81 -8.87
N SER A 245 6.64 28.14 -10.04
CA SER A 245 5.91 28.01 -11.31
C SER A 245 6.83 28.16 -12.53
N GLY A 246 6.29 27.84 -13.70
CA GLY A 246 7.02 27.99 -14.96
C GLY A 246 8.00 26.86 -15.21
N VAL A 247 8.93 27.09 -16.13
CA VAL A 247 9.97 26.12 -16.47
C VAL A 247 11.33 26.66 -16.04
N TYR A 248 11.96 25.98 -15.08
CA TYR A 248 13.14 26.54 -14.43
C TYR A 248 14.38 26.64 -15.32
N HIS A 249 15.12 27.73 -15.14
CA HIS A 249 16.36 27.99 -15.87
C HIS A 249 17.21 28.94 -15.04
N HIS A 250 18.44 28.54 -14.76
CA HIS A 250 19.34 29.34 -13.93
C HIS A 250 19.78 30.62 -14.64
N VAL A 251 19.42 31.77 -14.05
CA VAL A 251 19.76 33.07 -14.63
C VAL A 251 20.57 33.95 -13.68
N SER A 252 20.36 33.77 -12.38
CA SER A 252 21.14 34.47 -11.35
C SER A 252 21.19 33.66 -10.05
N GLY A 253 22.13 34.00 -9.18
CA GLY A 253 22.24 33.35 -7.88
C GLY A 253 23.55 32.62 -7.70
N GLN A 254 24.01 32.54 -6.45
CA GLN A 254 25.23 31.81 -6.11
C GLN A 254 24.96 30.31 -6.04
N TYR A 255 25.96 29.52 -6.41
CA TYR A 255 25.88 28.07 -6.30
C TYR A 255 25.75 27.66 -4.84
N LEU A 256 24.85 26.74 -4.55
CA LEU A 256 24.60 26.31 -3.18
C LEU A 256 25.08 24.88 -2.89
N GLY A 257 24.88 23.98 -3.85
CA GLY A 257 25.29 22.59 -3.71
C GLY A 257 24.54 21.66 -4.64
N GLY A 258 24.98 20.41 -4.72
CA GLY A 258 24.29 19.39 -5.51
C GLY A 258 22.99 18.95 -4.85
N HIS A 259 22.04 18.50 -5.67
CA HIS A 259 20.75 18.05 -5.15
C HIS A 259 20.19 16.90 -5.98
N ALA A 260 19.99 15.76 -5.32
CA ALA A 260 19.38 14.60 -5.96
C ALA A 260 17.88 14.67 -5.88
N VAL A 261 17.21 14.25 -6.95
CA VAL A 261 15.76 14.36 -7.06
C VAL A 261 15.20 13.20 -7.88
N ARG A 262 13.87 13.11 -7.93
CA ARG A 262 13.17 12.01 -8.60
C ARG A 262 12.49 12.48 -9.86
N LEU A 263 12.88 11.90 -11.00
CA LEU A 263 12.34 12.29 -12.29
C LEU A 263 11.12 11.46 -12.65
N VAL A 264 10.01 12.12 -12.95
CA VAL A 264 8.73 11.44 -13.14
C VAL A 264 8.10 11.65 -14.52
N GLY A 265 8.48 12.72 -15.21
CA GLY A 265 7.86 13.04 -16.49
C GLY A 265 8.64 13.97 -17.40
N TRP A 266 8.15 14.11 -18.63
CA TRP A 266 8.60 15.15 -19.52
C TRP A 266 7.44 15.77 -20.30
N GLY A 267 7.72 16.87 -20.97
CA GLY A 267 6.71 17.55 -21.76
C GLY A 267 7.25 18.83 -22.37
N THR A 268 6.39 19.56 -23.06
CA THR A 268 6.78 20.81 -23.66
C THR A 268 5.72 21.90 -23.40
N SER A 269 6.18 23.05 -22.91
CA SER A 269 5.30 24.16 -22.60
C SER A 269 5.70 25.39 -23.41
N ASN A 270 4.78 25.87 -24.25
CA ASN A 270 5.03 26.98 -25.17
C ASN A 270 6.37 26.86 -25.93
N GLY A 271 6.61 25.69 -26.50
CA GLY A 271 7.81 25.46 -27.30
C GLY A 271 9.08 25.26 -26.47
N VAL A 272 8.91 25.13 -25.16
CA VAL A 272 10.03 24.89 -24.26
C VAL A 272 9.93 23.50 -23.63
N PRO A 273 10.78 22.56 -24.08
CA PRO A 273 10.81 21.19 -23.53
C PRO A 273 11.30 21.18 -22.09
N TYR A 274 10.72 20.30 -21.27
CA TYR A 274 11.02 20.29 -19.83
C TYR A 274 10.95 18.89 -19.21
N TRP A 275 11.61 18.73 -18.07
CA TRP A 275 11.41 17.59 -17.21
C TRP A 275 10.42 17.94 -16.11
N LYS A 276 9.55 16.99 -15.77
CA LYS A 276 8.76 17.10 -14.56
C LYS A 276 9.45 16.34 -13.44
N ILE A 277 9.74 17.02 -12.34
CA ILE A 277 10.56 16.46 -11.27
C ILE A 277 9.84 16.51 -9.94
N ALA A 278 9.94 15.41 -9.18
CA ALA A 278 9.47 15.37 -7.81
C ALA A 278 10.59 15.77 -6.85
N ASN A 279 10.42 16.93 -6.22
CA ASN A 279 11.35 17.37 -5.19
C ASN A 279 11.01 16.71 -3.84
N SER A 280 11.88 16.90 -2.85
CA SER A 280 11.70 16.27 -1.55
C SER A 280 11.58 17.32 -0.42
N TRP A 281 10.99 18.47 -0.75
CA TRP A 281 10.81 19.54 0.22
C TRP A 281 9.34 19.70 0.61
N ASN A 282 8.67 18.57 0.85
CA ASN A 282 7.21 18.48 1.04
C ASN A 282 6.34 19.15 -0.03
N THR A 283 5.04 19.09 0.17
CA THR A 283 4.08 19.42 -0.88
C THR A 283 3.89 20.93 -1.04
N GLU A 284 4.41 21.70 -0.09
CA GLU A 284 4.21 23.15 -0.04
C GLU A 284 5.20 23.93 -0.91
N TRP A 285 6.28 23.26 -1.33
CA TRP A 285 7.28 23.87 -2.19
C TRP A 285 6.92 23.71 -3.67
N GLY A 286 7.27 24.71 -4.47
CA GLY A 286 7.10 24.65 -5.93
C GLY A 286 5.65 24.49 -6.36
N MET A 287 5.43 23.69 -7.40
CA MET A 287 4.07 23.34 -7.83
C MET A 287 3.64 22.03 -7.18
N ASP A 288 3.00 22.14 -6.00
CA ASP A 288 2.51 20.97 -5.26
C ASP A 288 3.60 19.91 -5.01
N GLY A 289 4.83 20.37 -4.80
CA GLY A 289 5.96 19.47 -4.55
C GLY A 289 6.84 19.24 -5.76
N TYR A 290 6.31 19.53 -6.94
CA TYR A 290 7.02 19.30 -8.19
C TYR A 290 7.69 20.58 -8.69
N PHE A 291 8.67 20.42 -9.58
CA PHE A 291 9.13 21.53 -10.41
C PHE A 291 9.39 21.09 -11.84
N LEU A 292 9.21 22.02 -12.77
CA LEU A 292 9.61 21.82 -14.16
C LEU A 292 10.96 22.47 -14.41
N ILE A 293 11.81 21.77 -15.16
CA ILE A 293 13.13 22.29 -15.51
C ILE A 293 13.40 22.11 -17.02
N ARG A 294 14.17 23.03 -17.59
CA ARG A 294 14.56 22.96 -19.01
C ARG A 294 15.14 21.60 -19.37
N ARG A 295 14.67 21.03 -20.46
CA ARG A 295 15.16 19.75 -20.96
C ARG A 295 15.84 19.91 -22.32
N GLY A 296 16.98 19.26 -22.50
CA GLY A 296 17.65 19.24 -23.79
C GLY A 296 19.13 19.60 -23.73
N SER A 297 19.48 20.52 -22.84
CA SER A 297 20.84 21.07 -22.79
C SER A 297 21.48 20.95 -21.41
N SER A 298 21.16 19.85 -20.71
CA SER A 298 21.68 19.60 -19.36
C SER A 298 21.69 20.85 -18.47
N GLU A 299 20.49 21.35 -18.17
CA GLU A 299 20.32 22.48 -17.26
C GLU A 299 20.86 22.15 -15.87
N CYS A 300 21.85 22.92 -15.42
CA CYS A 300 22.50 22.71 -14.12
C CYS A 300 23.07 21.29 -13.98
N GLY A 301 23.32 20.64 -15.12
CA GLY A 301 23.89 19.29 -15.15
C GLY A 301 22.90 18.20 -14.80
N ILE A 302 21.61 18.45 -15.05
CA ILE A 302 20.54 17.50 -14.73
C ILE A 302 20.62 16.23 -15.59
N GLU A 303 21.16 16.36 -16.79
CA GLU A 303 21.25 15.24 -17.73
C GLU A 303 22.64 14.57 -17.72
N ASP A 304 23.42 14.89 -16.70
CA ASP A 304 24.79 14.38 -16.60
C ASP A 304 24.88 12.98 -16.00
N GLY A 305 23.94 12.64 -15.11
CA GLY A 305 23.99 11.35 -14.41
C GLY A 305 22.68 10.95 -13.75
N GLY A 306 22.16 9.79 -14.16
CA GLY A 306 20.95 9.22 -13.55
C GLY A 306 21.19 7.81 -13.04
N SER A 307 20.48 7.46 -11.96
CA SER A 307 20.69 6.19 -11.30
C SER A 307 19.37 5.41 -11.20
N ALA A 308 19.41 4.13 -11.56
CA ALA A 308 18.22 3.29 -11.55
C ALA A 308 18.55 1.80 -11.37
N GLY A 309 17.50 0.99 -11.20
CA GLY A 309 17.64 -0.45 -11.06
C GLY A 309 16.30 -1.14 -11.09
N ILE A 310 16.31 -2.47 -11.11
CA ILE A 310 15.08 -3.25 -11.18
C ILE A 310 14.82 -4.01 -9.88
N PRO A 311 13.79 -3.61 -9.12
CA PRO A 311 13.33 -4.34 -7.94
C PRO A 311 13.00 -5.80 -8.23
N LEU A 312 13.35 -6.68 -7.31
CA LEU A 312 13.08 -8.09 -7.46
C LEU A 312 11.82 -8.47 -6.68
N ALA A 313 10.90 -9.16 -7.36
CA ALA A 313 9.68 -9.65 -6.73
C ALA A 313 10.00 -10.62 -5.58
N PRO A 314 9.63 -10.25 -4.34
CA PRO A 314 10.00 -11.03 -3.16
C PRO A 314 8.97 -12.11 -2.83
N SER B 55 -15.77 -28.19 12.25
CA SER B 55 -14.72 -27.45 11.50
C SER B 55 -13.51 -28.34 11.18
N ILE B 56 -12.96 -28.16 9.99
CA ILE B 56 -11.77 -28.90 9.56
C ILE B 56 -10.48 -28.30 10.14
N LEU B 57 -10.53 -27.02 10.50
CA LEU B 57 -9.38 -26.34 11.10
C LEU B 57 -9.23 -26.70 12.59
N PRO B 58 -7.99 -26.68 13.10
CA PRO B 58 -7.78 -26.90 14.54
C PRO B 58 -8.32 -25.74 15.37
N LYS B 59 -8.70 -26.02 16.61
CA LYS B 59 -9.17 -24.99 17.53
C LYS B 59 -8.00 -24.16 18.05
N ARG B 60 -8.19 -22.84 18.10
CA ARG B 60 -7.17 -21.93 18.60
C ARG B 60 -6.95 -22.09 20.10
N ARG B 61 -5.70 -22.34 20.48
CA ARG B 61 -5.31 -22.31 21.88
C ARG B 61 -4.57 -21.02 22.18
N PHE B 62 -5.03 -20.30 23.21
CA PHE B 62 -4.34 -19.10 23.69
C PHE B 62 -3.23 -19.48 24.66
N THR B 63 -2.13 -18.72 24.60
CA THR B 63 -1.04 -18.87 25.57
C THR B 63 -1.48 -18.33 26.94
N GLU B 64 -0.74 -18.70 27.98
CA GLU B 64 -1.05 -18.27 29.34
C GLU B 64 -1.09 -16.74 29.44
N GLU B 65 -0.13 -16.10 28.78
CA GLU B 65 -0.05 -14.63 28.77
C GLU B 65 -1.19 -14.00 27.97
N GLU B 66 -1.56 -14.63 26.86
CA GLU B 66 -2.70 -14.19 26.05
C GLU B 66 -4.00 -14.27 26.86
N ALA B 67 -4.21 -15.41 27.52
CA ALA B 67 -5.48 -15.69 28.21
C ALA B 67 -5.71 -14.79 29.42
N ARG B 68 -4.62 -14.34 30.05
CA ARG B 68 -4.72 -13.57 31.29
C ARG B 68 -4.93 -12.07 31.03
N ALA B 69 -4.83 -11.66 29.77
CA ALA B 69 -4.96 -10.25 29.38
C ALA B 69 -6.35 -9.72 29.71
N PRO B 70 -6.42 -8.62 30.47
CA PRO B 70 -7.69 -7.95 30.79
C PRO B 70 -8.19 -7.14 29.60
N LEU B 71 -9.05 -7.75 28.79
CA LEU B 71 -9.54 -7.14 27.56
C LEU B 71 -10.38 -5.90 27.86
N PRO B 72 -10.17 -4.82 27.07
CA PRO B 72 -10.90 -3.57 27.30
C PRO B 72 -12.40 -3.75 27.09
N SER B 73 -13.20 -2.85 27.65
CA SER B 73 -14.65 -2.92 27.51
C SER B 73 -15.10 -2.51 26.10
N SER B 74 -14.20 -1.87 25.36
CA SER B 74 -14.43 -1.59 23.93
C SER B 74 -13.12 -1.68 23.17
N PHE B 75 -13.22 -1.95 21.87
CA PHE B 75 -12.03 -2.16 21.03
C PHE B 75 -12.35 -1.91 19.55
N ASP B 76 -11.37 -1.39 18.83
CA ASP B 76 -11.49 -1.15 17.40
C ASP B 76 -10.13 -1.36 16.71
N SER B 77 -10.11 -2.21 15.68
CA SER B 77 -8.86 -2.62 15.02
C SER B 77 -8.14 -1.46 14.34
N ALA B 78 -8.91 -0.54 13.77
CA ALA B 78 -8.35 0.63 13.09
C ALA B 78 -7.61 1.57 14.04
N GLU B 79 -8.03 1.59 15.30
N GLU B 79 -8.07 1.62 15.29
CA GLU B 79 -7.40 2.44 16.30
CA GLU B 79 -7.41 2.43 16.31
C GLU B 79 -6.33 1.71 17.12
C GLU B 79 -6.20 1.71 16.90
N ALA B 80 -6.31 0.38 17.01
CA ALA B 80 -5.26 -0.44 17.62
C ALA B 80 -4.04 -0.55 16.70
N TRP B 81 -4.29 -0.63 15.39
CA TRP B 81 -3.22 -0.58 14.40
C TRP B 81 -3.49 0.56 13.40
N PRO B 82 -3.17 1.81 13.81
CA PRO B 82 -3.50 2.99 13.00
C PRO B 82 -2.70 3.09 11.71
N ASN B 83 -1.59 2.37 11.64
CA ASN B 83 -0.71 2.42 10.46
C ASN B 83 -1.04 1.35 9.43
N CYS B 84 -2.22 0.73 9.57
CA CYS B 84 -2.64 -0.35 8.69
C CYS B 84 -3.88 0.04 7.90
N PRO B 85 -3.67 0.61 6.69
CA PRO B 85 -4.72 1.31 5.92
C PRO B 85 -5.84 0.40 5.37
N THR B 86 -5.58 -0.90 5.25
CA THR B 86 -6.59 -1.82 4.69
C THR B 86 -7.77 -2.03 5.65
N ILE B 87 -7.51 -1.93 6.95
CA ILE B 87 -8.51 -2.24 7.98
C ILE B 87 -9.82 -1.43 7.81
N PRO B 88 -9.72 -0.09 7.79
CA PRO B 88 -10.94 0.75 7.71
C PRO B 88 -11.59 0.78 6.32
N GLN B 89 -10.98 0.11 5.34
CA GLN B 89 -11.53 0.07 3.98
C GLN B 89 -12.65 -0.96 3.85
N ILE B 90 -13.78 -0.53 3.30
CA ILE B 90 -14.94 -1.39 3.13
C ILE B 90 -14.96 -2.03 1.75
N ALA B 91 -15.27 -3.32 1.70
CA ALA B 91 -15.27 -4.07 0.45
C ALA B 91 -16.65 -4.04 -0.23
N ASP B 92 -16.66 -4.30 -1.53
CA ASP B 92 -17.90 -4.50 -2.27
C ASP B 92 -17.83 -5.80 -3.06
N GLN B 93 -18.56 -6.81 -2.61
CA GLN B 93 -18.54 -8.11 -3.28
C GLN B 93 -19.27 -8.06 -4.63
N SER B 94 -20.13 -7.05 -4.80
CA SER B 94 -20.89 -6.86 -6.04
C SER B 94 -21.93 -7.98 -6.26
N ALA B 95 -22.44 -8.09 -7.49
CA ALA B 95 -23.51 -9.03 -7.80
C ALA B 95 -23.00 -10.47 -7.93
N CYS B 96 -22.49 -10.99 -6.82
CA CYS B 96 -21.90 -12.33 -6.77
C CYS B 96 -21.85 -12.81 -5.32
N GLY B 97 -22.17 -14.09 -5.12
CA GLY B 97 -22.18 -14.67 -3.77
C GLY B 97 -20.79 -15.04 -3.30
N SER B 98 -19.93 -14.03 -3.15
CA SER B 98 -18.51 -14.25 -2.89
C SER B 98 -18.10 -13.75 -1.51
N CYS B 99 -19.09 -13.50 -0.65
CA CYS B 99 -18.83 -12.99 0.70
C CYS B 99 -17.77 -13.83 1.43
N TRP B 100 -17.79 -15.14 1.21
CA TRP B 100 -16.86 -16.07 1.85
C TRP B 100 -15.41 -15.80 1.44
N ALA B 101 -15.22 -15.42 0.18
CA ALA B 101 -13.89 -15.12 -0.34
C ALA B 101 -13.47 -13.70 0.04
N VAL B 102 -14.42 -12.77 -0.03
CA VAL B 102 -14.16 -11.34 0.15
C VAL B 102 -13.79 -10.99 1.60
N ALA B 103 -14.56 -11.50 2.56
CA ALA B 103 -14.26 -11.31 3.97
C ALA B 103 -12.91 -11.95 4.34
N ALA B 104 -12.64 -13.12 3.77
CA ALA B 104 -11.36 -13.78 3.95
C ALA B 104 -10.21 -12.90 3.47
N ALA B 105 -10.31 -12.46 2.21
CA ALA B 105 -9.27 -11.64 1.60
C ALA B 105 -9.04 -10.31 2.35
N SER B 106 -10.13 -9.67 2.75
CA SER B 106 -10.05 -8.44 3.53
C SER B 106 -9.28 -8.65 4.83
N ALA B 107 -9.63 -9.71 5.57
CA ALA B 107 -8.97 -10.04 6.83
C ALA B 107 -7.52 -10.46 6.63
N MET B 108 -7.24 -11.11 5.51
CA MET B 108 -5.89 -11.55 5.19
C MET B 108 -4.98 -10.36 4.87
N SER B 109 -5.56 -9.35 4.22
CA SER B 109 -4.87 -8.10 3.95
C SER B 109 -4.51 -7.37 5.23
N ASP B 110 -5.47 -7.29 6.15
CA ASP B 110 -5.27 -6.65 7.46
C ASP B 110 -4.14 -7.30 8.24
N ARG B 111 -4.11 -8.63 8.21
CA ARG B 111 -3.21 -9.40 9.06
C ARG B 111 -1.79 -9.44 8.52
N PHE B 112 -1.63 -9.14 7.23
CA PHE B 112 -0.31 -8.92 6.68
C PHE B 112 0.34 -7.67 7.27
N CYS B 113 -0.49 -6.72 7.66
CA CYS B 113 0.00 -5.54 8.34
C CYS B 113 0.13 -5.76 9.85
N THR B 114 -0.90 -6.35 10.47
CA THR B 114 -0.90 -6.56 11.92
C THR B 114 0.13 -7.61 12.36
N MET B 115 0.50 -8.51 11.45
CA MET B 115 1.37 -9.65 11.78
C MET B 115 2.49 -9.90 10.76
N GLY B 116 2.22 -9.63 9.49
CA GLY B 116 3.08 -10.10 8.40
C GLY B 116 4.15 -9.12 7.94
N GLY B 117 4.20 -7.95 8.58
CA GLY B 117 5.23 -6.95 8.26
C GLY B 117 5.06 -6.29 6.90
N VAL B 118 3.85 -6.31 6.36
CA VAL B 118 3.54 -5.67 5.08
C VAL B 118 2.38 -4.71 5.23
N GLN B 119 2.62 -3.42 4.97
CA GLN B 119 1.67 -2.37 5.33
C GLN B 119 0.40 -2.34 4.47
N ASP B 120 0.56 -2.44 3.15
CA ASP B 120 -0.59 -2.27 2.26
C ASP B 120 -0.56 -3.22 1.05
N VAL B 121 -0.79 -4.51 1.31
CA VAL B 121 -1.11 -5.46 0.26
C VAL B 121 -2.58 -5.88 0.37
N HIS B 122 -3.29 -5.75 -0.74
CA HIS B 122 -4.66 -6.25 -0.83
C HIS B 122 -4.66 -7.64 -1.43
N ILE B 123 -4.91 -8.65 -0.61
CA ILE B 123 -5.05 -10.03 -1.09
C ILE B 123 -6.26 -10.15 -2.03
N SER B 124 -6.11 -10.92 -3.10
CA SER B 124 -7.11 -10.96 -4.17
C SER B 124 -8.27 -11.90 -3.87
N ALA B 125 -9.42 -11.33 -3.54
CA ALA B 125 -10.64 -12.10 -3.32
C ALA B 125 -11.03 -12.88 -4.58
N GLY B 126 -10.81 -12.25 -5.73
CA GLY B 126 -11.08 -12.89 -7.02
C GLY B 126 -10.30 -14.17 -7.21
N ASP B 127 -9.00 -14.12 -6.90
CA ASP B 127 -8.13 -15.30 -7.01
C ASP B 127 -8.67 -16.45 -6.16
N LEU B 128 -8.88 -16.18 -4.87
CA LEU B 128 -9.47 -17.15 -3.96
C LEU B 128 -10.80 -17.68 -4.49
N LEU B 129 -11.62 -16.76 -5.01
CA LEU B 129 -12.95 -17.08 -5.49
C LEU B 129 -12.92 -18.00 -6.73
N ALA B 130 -11.96 -17.78 -7.60
CA ALA B 130 -11.88 -18.51 -8.87
C ALA B 130 -11.12 -19.83 -8.76
N CYS B 131 -10.08 -19.83 -7.93
CA CYS B 131 -9.07 -20.90 -7.97
C CYS B 131 -9.27 -21.99 -6.92
N CYS B 132 -9.82 -21.63 -5.77
CA CYS B 132 -10.13 -22.63 -4.74
C CYS B 132 -11.44 -23.34 -5.07
N SER B 133 -11.33 -24.51 -5.68
CA SER B 133 -12.50 -25.30 -6.08
C SER B 133 -13.05 -26.10 -4.90
N ASP B 134 -12.17 -26.41 -3.95
CA ASP B 134 -12.56 -27.15 -2.75
C ASP B 134 -13.32 -26.28 -1.77
N CYS B 135 -13.17 -24.96 -1.92
CA CYS B 135 -13.84 -23.99 -1.07
C CYS B 135 -15.35 -24.01 -1.27
N GLY B 136 -15.78 -24.06 -2.53
CA GLY B 136 -17.20 -24.08 -2.86
C GLY B 136 -17.45 -24.00 -4.35
N ASP B 137 -18.49 -23.27 -4.74
CA ASP B 137 -18.86 -23.11 -6.14
C ASP B 137 -18.82 -21.64 -6.55
N GLY B 138 -17.75 -20.95 -6.16
CA GLY B 138 -17.50 -19.58 -6.59
C GLY B 138 -18.57 -18.59 -6.15
N CYS B 139 -19.28 -18.03 -7.14
CA CYS B 139 -20.29 -17.01 -6.89
C CYS B 139 -21.58 -17.61 -6.30
N ASN B 140 -21.65 -18.95 -6.26
CA ASN B 140 -22.77 -19.63 -5.61
C ASN B 140 -22.51 -19.88 -4.13
N GLY B 141 -21.33 -19.49 -3.66
CA GLY B 141 -20.99 -19.57 -2.24
C GLY B 141 -19.91 -20.59 -1.94
N GLY B 142 -19.46 -20.60 -0.69
CA GLY B 142 -18.39 -21.49 -0.27
C GLY B 142 -18.18 -21.47 1.23
N ASP B 143 -17.04 -22.00 1.65
CA ASP B 143 -16.77 -22.24 3.06
C ASP B 143 -15.56 -21.41 3.53
N PRO B 144 -15.79 -20.45 4.45
CA PRO B 144 -14.74 -19.59 4.97
C PRO B 144 -13.54 -20.37 5.54
N ASP B 145 -13.81 -21.51 6.17
CA ASP B 145 -12.75 -22.36 6.72
C ASP B 145 -11.75 -22.79 5.64
N ARG B 146 -12.26 -23.33 4.55
CA ARG B 146 -11.42 -23.87 3.48
C ARG B 146 -10.71 -22.77 2.68
N ALA B 147 -11.20 -21.54 2.80
CA ALA B 147 -10.53 -20.38 2.24
C ALA B 147 -9.19 -20.12 2.93
N TRP B 148 -9.17 -20.20 4.25
CA TRP B 148 -7.96 -19.90 5.03
C TRP B 148 -6.93 -21.02 4.94
N ALA B 149 -7.40 -22.25 4.73
CA ALA B 149 -6.52 -23.40 4.51
C ALA B 149 -5.84 -23.31 3.14
N TYR B 150 -6.58 -22.82 2.15
CA TYR B 150 -6.05 -22.57 0.81
C TYR B 150 -4.97 -21.50 0.83
N PHE B 151 -5.18 -20.49 1.69
CA PHE B 151 -4.23 -19.41 1.91
C PHE B 151 -2.88 -19.94 2.45
N SER B 152 -2.94 -21.05 3.19
CA SER B 152 -1.75 -21.62 3.82
C SER B 152 -1.03 -22.66 2.95
N SER B 153 -1.79 -23.38 2.12
CA SER B 153 -1.23 -24.48 1.34
C SER B 153 -0.86 -24.06 -0.08
N THR B 154 -1.68 -23.21 -0.69
CA THR B 154 -1.44 -22.76 -2.05
C THR B 154 -0.89 -21.34 -2.08
N GLY B 155 -1.59 -20.43 -1.42
CA GLY B 155 -1.22 -19.02 -1.43
C GLY B 155 -2.14 -18.20 -2.31
N LEU B 156 -2.01 -16.88 -2.23
CA LEU B 156 -2.85 -15.98 -3.02
C LEU B 156 -2.06 -14.82 -3.60
N VAL B 157 -2.50 -14.33 -4.76
CA VAL B 157 -1.94 -13.13 -5.34
C VAL B 157 -2.62 -11.89 -4.76
N SER B 158 -2.07 -10.72 -5.04
CA SER B 158 -2.66 -9.46 -4.59
C SER B 158 -3.74 -8.96 -5.56
N ASP B 159 -4.47 -7.94 -5.11
CA ASP B 159 -5.46 -7.25 -5.95
C ASP B 159 -4.78 -6.62 -7.17
N TYR B 160 -3.49 -6.33 -7.03
CA TYR B 160 -2.71 -5.72 -8.11
C TYR B 160 -2.50 -6.71 -9.25
N CYS B 161 -2.28 -7.98 -8.87
CA CYS B 161 -2.10 -9.04 -9.86
C CYS B 161 -3.43 -9.41 -10.53
N GLN B 162 -4.48 -9.56 -9.72
CA GLN B 162 -5.79 -9.90 -10.25
C GLN B 162 -6.90 -9.08 -9.59
N PRO B 163 -7.18 -7.87 -10.14
CA PRO B 163 -8.21 -6.98 -9.63
C PRO B 163 -9.57 -7.64 -9.57
N TYR B 164 -10.39 -7.27 -8.59
CA TYR B 164 -11.74 -7.80 -8.47
C TYR B 164 -12.55 -7.47 -9.74
N PRO B 165 -13.01 -8.52 -10.45
CA PRO B 165 -13.55 -8.35 -11.79
C PRO B 165 -14.92 -7.67 -11.83
N PHE B 166 -15.54 -7.51 -10.67
CA PHE B 166 -16.92 -7.04 -10.59
C PHE B 166 -17.03 -5.63 -10.01
N PRO B 167 -17.74 -4.74 -10.72
CA PRO B 167 -17.80 -3.32 -10.37
C PRO B 167 -18.75 -3.02 -9.21
N HIS B 168 -18.68 -1.80 -8.69
CA HIS B 168 -19.58 -1.33 -7.64
C HIS B 168 -21.04 -1.42 -8.08
N CYS B 169 -21.90 -1.93 -7.20
CA CYS B 169 -23.33 -1.86 -7.39
C CYS B 169 -24.08 -1.68 -6.06
N SER B 170 -25.31 -1.19 -6.13
CA SER B 170 -26.13 -0.99 -4.95
C SER B 170 -26.93 -2.25 -4.63
N HIS B 171 -26.79 -2.74 -3.40
CA HIS B 171 -27.19 -4.10 -3.06
C HIS B 171 -28.67 -4.24 -2.73
N HIS B 172 -29.16 -3.40 -1.81
CA HIS B 172 -30.55 -3.48 -1.36
C HIS B 172 -31.14 -2.08 -1.22
N SER B 173 -30.58 -1.13 -1.95
CA SER B 173 -30.87 0.27 -1.74
C SER B 173 -30.72 1.03 -3.07
N LYS B 174 -30.72 2.35 -2.97
CA LYS B 174 -30.35 3.20 -4.09
C LYS B 174 -29.00 3.85 -3.82
N SER B 175 -28.35 4.34 -4.86
CA SER B 175 -27.00 4.88 -4.74
C SER B 175 -26.96 6.41 -4.71
N LYS B 176 -26.14 6.97 -3.82
CA LYS B 176 -25.75 8.37 -3.89
C LYS B 176 -24.52 8.53 -4.77
N ASN B 177 -23.83 7.42 -5.04
CA ASN B 177 -22.54 7.45 -5.74
C ASN B 177 -22.65 7.20 -7.25
N GLY B 178 -23.84 6.82 -7.71
CA GLY B 178 -24.08 6.58 -9.14
C GLY B 178 -23.99 5.12 -9.53
N TYR B 179 -23.97 4.24 -8.54
CA TYR B 179 -23.94 2.79 -8.79
C TYR B 179 -25.26 2.31 -9.37
N PRO B 180 -25.21 1.39 -10.34
CA PRO B 180 -26.39 0.63 -10.75
C PRO B 180 -26.78 -0.37 -9.66
N PRO B 181 -28.04 -0.85 -9.69
CA PRO B 181 -28.45 -1.90 -8.75
C PRO B 181 -27.76 -3.22 -9.07
N CYS B 182 -27.45 -4.00 -8.03
CA CYS B 182 -26.82 -5.31 -8.22
C CYS B 182 -27.75 -6.29 -8.91
N SER B 183 -29.06 -6.12 -8.69
CA SER B 183 -30.07 -6.99 -9.30
C SER B 183 -30.07 -6.91 -10.83
N GLN B 184 -29.56 -5.80 -11.36
CA GLN B 184 -29.42 -5.62 -12.80
C GLN B 184 -28.38 -6.59 -13.40
N PHE B 185 -27.35 -6.91 -12.62
CA PHE B 185 -26.28 -7.80 -13.09
C PHE B 185 -26.52 -9.25 -12.72
N ASN B 186 -26.03 -10.15 -13.57
CA ASN B 186 -25.91 -11.56 -13.23
C ASN B 186 -24.51 -12.07 -13.58
N PHE B 187 -23.69 -12.30 -12.56
CA PHE B 187 -22.28 -12.64 -12.76
C PHE B 187 -22.01 -14.12 -12.57
N ASP B 188 -21.16 -14.66 -13.43
CA ASP B 188 -20.65 -16.02 -13.27
C ASP B 188 -19.27 -15.98 -12.63
N THR B 189 -18.90 -17.06 -11.95
CA THR B 189 -17.58 -17.20 -11.34
C THR B 189 -16.48 -16.91 -12.37
N PRO B 190 -15.54 -16.00 -12.05
CA PRO B 190 -14.43 -15.68 -12.95
C PRO B 190 -13.48 -16.87 -13.10
N LYS B 191 -12.75 -16.89 -14.21
CA LYS B 191 -11.85 -18.00 -14.52
C LYS B 191 -10.54 -17.88 -13.71
N CYS B 192 -10.08 -19.02 -13.19
CA CYS B 192 -8.77 -19.09 -12.52
C CYS B 192 -7.65 -18.94 -13.54
N ASN B 193 -6.73 -18.00 -13.30
CA ASN B 193 -5.71 -17.63 -14.29
C ASN B 193 -4.30 -18.07 -13.94
N TYR B 194 -3.48 -18.24 -14.97
CA TYR B 194 -2.06 -18.53 -14.77
C TYR B 194 -1.28 -17.27 -14.42
N THR B 195 -1.68 -16.15 -15.02
CA THR B 195 -0.93 -14.91 -14.91
C THR B 195 -1.75 -13.82 -14.22
N CYS B 196 -1.10 -12.70 -13.90
CA CYS B 196 -1.80 -11.47 -13.57
C CYS B 196 -2.58 -11.01 -14.80
N ASP B 197 -3.66 -10.25 -14.58
CA ASP B 197 -4.45 -9.69 -15.68
C ASP B 197 -3.54 -8.95 -16.66
N ASP B 198 -2.55 -8.25 -16.11
CA ASP B 198 -1.43 -7.76 -16.88
C ASP B 198 -0.26 -8.73 -16.69
N PRO B 199 -0.03 -9.62 -17.69
CA PRO B 199 0.98 -10.67 -17.58
C PRO B 199 2.40 -10.09 -17.45
N THR B 200 2.51 -8.78 -17.64
CA THR B 200 3.79 -8.08 -17.49
C THR B 200 4.08 -7.77 -16.02
N ILE B 201 3.03 -7.72 -15.20
CA ILE B 201 3.18 -7.66 -13.76
C ILE B 201 3.51 -9.06 -13.23
N PRO B 202 4.65 -9.18 -12.51
CA PRO B 202 5.10 -10.50 -12.04
C PRO B 202 4.18 -11.04 -10.96
N VAL B 203 3.90 -12.34 -11.03
CA VAL B 203 3.15 -13.03 -10.00
C VAL B 203 3.94 -13.02 -8.69
N VAL B 204 3.36 -12.40 -7.66
CA VAL B 204 3.89 -12.49 -6.31
C VAL B 204 2.91 -13.26 -5.43
N ASN B 205 3.41 -14.30 -4.78
CA ASN B 205 2.56 -15.20 -3.99
C ASN B 205 2.58 -14.87 -2.50
N TYR B 206 1.40 -14.88 -1.89
CA TYR B 206 1.25 -14.56 -0.47
C TYR B 206 0.67 -15.74 0.31
N ARG B 207 1.36 -16.11 1.39
CA ARG B 207 1.07 -17.35 2.09
C ARG B 207 0.89 -17.10 3.59
N SER B 208 0.11 -17.98 4.23
CA SER B 208 0.13 -18.10 5.68
C SER B 208 0.73 -19.44 6.07
N TRP B 209 1.20 -19.56 7.32
CA TRP B 209 1.85 -20.79 7.76
C TRP B 209 1.01 -21.62 8.72
N THR B 210 -0.11 -21.06 9.18
CA THR B 210 -1.04 -21.78 10.04
C THR B 210 -2.47 -21.23 9.90
N SER B 211 -3.45 -22.08 10.19
CA SER B 211 -4.85 -21.67 10.22
C SER B 211 -5.53 -22.30 11.44
N TYR B 212 -6.58 -21.65 11.93
CA TYR B 212 -7.32 -22.17 13.09
C TYR B 212 -8.75 -21.65 13.16
N ALA B 213 -9.58 -22.33 13.95
CA ALA B 213 -10.98 -21.95 14.12
C ALA B 213 -11.22 -21.32 15.49
N LEU B 214 -12.17 -20.40 15.55
CA LEU B 214 -12.49 -19.70 16.78
C LEU B 214 -13.97 -19.86 17.11
N GLN B 215 -14.29 -19.90 18.40
CA GLN B 215 -15.67 -20.08 18.84
C GLN B 215 -15.95 -19.40 20.18
N GLY B 216 -17.05 -18.64 20.23
CA GLY B 216 -17.49 -18.01 21.46
C GLY B 216 -16.97 -16.60 21.63
N GLU B 217 -17.56 -15.86 22.58
CA GLU B 217 -17.28 -14.45 22.77
C GLU B 217 -15.81 -14.16 23.15
N ASP B 218 -15.29 -14.88 24.15
CA ASP B 218 -13.93 -14.65 24.63
C ASP B 218 -12.89 -14.92 23.55
N ASP B 219 -13.05 -16.04 22.83
CA ASP B 219 -12.18 -16.36 21.69
C ASP B 219 -12.12 -15.20 20.70
N TYR B 220 -13.30 -14.77 20.24
CA TYR B 220 -13.41 -13.67 19.27
C TYR B 220 -12.69 -12.43 19.77
N MET B 221 -13.04 -11.99 20.98
CA MET B 221 -12.46 -10.79 21.59
C MET B 221 -10.94 -10.91 21.74
N ARG B 222 -10.49 -12.04 22.28
CA ARG B 222 -9.08 -12.23 22.60
C ARG B 222 -8.21 -12.35 21.34
N GLU B 223 -8.69 -13.12 20.37
CA GLU B 223 -8.00 -13.28 19.09
C GLU B 223 -7.90 -11.95 18.34
N LEU B 224 -9.01 -11.20 18.33
CA LEU B 224 -9.06 -9.90 17.68
C LEU B 224 -8.07 -8.92 18.31
N PHE B 225 -8.01 -8.94 19.64
CA PHE B 225 -7.15 -8.03 20.38
C PHE B 225 -5.68 -8.22 20.01
N PHE B 226 -5.25 -9.47 19.90
CA PHE B 226 -3.84 -9.79 19.73
C PHE B 226 -3.39 -9.80 18.26
N ARG B 227 -4.31 -10.08 17.34
CA ARG B 227 -3.95 -10.44 15.97
C ARG B 227 -4.75 -9.72 14.86
N GLY B 228 -5.81 -9.03 15.25
CA GLY B 228 -6.58 -8.21 14.31
C GLY B 228 -7.77 -8.91 13.67
N PRO B 229 -8.45 -8.23 12.73
CA PRO B 229 -9.68 -8.68 12.07
C PRO B 229 -9.60 -10.11 11.53
N PHE B 230 -10.70 -10.86 11.69
CA PHE B 230 -10.83 -12.18 11.06
C PHE B 230 -12.26 -12.40 10.53
N GLU B 231 -12.54 -13.62 10.08
CA GLU B 231 -13.78 -13.91 9.35
C GLU B 231 -14.80 -14.66 10.21
N VAL B 232 -16.04 -14.18 10.21
CA VAL B 232 -17.14 -14.85 10.92
C VAL B 232 -18.36 -14.98 10.01
N ALA B 233 -19.29 -15.86 10.39
CA ALA B 233 -20.51 -16.06 9.61
C ALA B 233 -21.76 -16.00 10.48
N PHE B 234 -22.84 -15.44 9.93
CA PHE B 234 -24.12 -15.39 10.64
C PHE B 234 -25.29 -15.67 9.72
N ASP B 235 -26.43 -16.02 10.31
CA ASP B 235 -27.65 -16.23 9.56
C ASP B 235 -28.33 -14.89 9.24
N VAL B 236 -28.53 -14.63 7.95
CA VAL B 236 -29.21 -13.42 7.52
C VAL B 236 -30.72 -13.63 7.48
N TYR B 237 -31.44 -12.75 8.18
CA TYR B 237 -32.89 -12.71 8.11
C TYR B 237 -33.34 -11.42 7.42
N GLU B 238 -34.59 -11.41 6.94
CA GLU B 238 -35.11 -10.28 6.15
C GLU B 238 -34.95 -8.93 6.83
N ASP B 239 -35.14 -8.89 8.15
CA ASP B 239 -35.13 -7.63 8.91
C ASP B 239 -33.72 -7.02 9.02
N PHE B 240 -32.73 -7.72 8.45
CA PHE B 240 -31.34 -7.26 8.49
C PHE B 240 -31.00 -6.42 7.25
N ILE B 241 -31.75 -6.64 6.17
CA ILE B 241 -31.50 -5.99 4.88
C ILE B 241 -31.54 -4.46 4.98
N ALA B 242 -32.54 -3.93 5.68
CA ALA B 242 -32.78 -2.49 5.71
C ALA B 242 -31.98 -1.76 6.81
N TYR B 243 -31.31 -2.53 7.65
CA TYR B 243 -30.49 -1.99 8.75
C TYR B 243 -29.66 -0.78 8.32
N ASN B 244 -29.60 0.23 9.20
CA ASN B 244 -28.79 1.42 8.95
C ASN B 244 -28.13 2.01 10.21
N SER B 245 -28.63 1.62 11.39
CA SER B 245 -28.10 2.14 12.66
C SER B 245 -28.47 1.25 13.84
N GLY B 246 -27.76 1.44 14.95
CA GLY B 246 -28.06 0.73 16.19
C GLY B 246 -27.42 -0.64 16.26
N VAL B 247 -27.71 -1.36 17.34
CA VAL B 247 -27.20 -2.72 17.52
C VAL B 247 -28.24 -3.72 17.02
N TYR B 248 -27.89 -4.46 15.97
CA TYR B 248 -28.84 -5.36 15.31
C TYR B 248 -29.24 -6.56 16.18
N HIS B 249 -30.50 -6.95 16.05
CA HIS B 249 -31.05 -8.10 16.74
C HIS B 249 -32.22 -8.63 15.93
N HIS B 250 -32.18 -9.92 15.59
CA HIS B 250 -33.24 -10.52 14.79
C HIS B 250 -34.56 -10.59 15.56
N VAL B 251 -35.60 -9.98 15.00
CA VAL B 251 -36.92 -9.98 15.60
C VAL B 251 -37.98 -10.58 14.68
N SER B 252 -37.95 -10.15 13.40
CA SER B 252 -38.92 -10.63 12.41
C SER B 252 -38.27 -10.97 11.08
N GLY B 253 -39.04 -11.59 10.19
CA GLY B 253 -38.58 -11.90 8.83
C GLY B 253 -38.12 -13.34 8.65
N GLN B 254 -38.12 -13.79 7.39
CA GLN B 254 -37.73 -15.16 7.05
C GLN B 254 -36.21 -15.29 6.93
N TYR B 255 -35.71 -16.49 7.19
CA TYR B 255 -34.29 -16.81 6.96
C TYR B 255 -33.97 -16.77 5.46
N LEU B 256 -32.88 -16.07 5.12
CA LEU B 256 -32.52 -15.87 3.72
C LEU B 256 -31.32 -16.72 3.30
N GLY B 257 -30.31 -16.80 4.17
CA GLY B 257 -29.09 -17.55 3.88
C GLY B 257 -27.99 -17.25 4.87
N GLY B 258 -26.86 -17.94 4.72
CA GLY B 258 -25.66 -17.66 5.51
C GLY B 258 -24.86 -16.53 4.91
N HIS B 259 -24.10 -15.82 5.75
CA HIS B 259 -23.29 -14.71 5.27
C HIS B 259 -21.97 -14.58 6.01
N ALA B 260 -20.88 -14.46 5.26
CA ALA B 260 -19.56 -14.27 5.84
C ALA B 260 -19.19 -12.80 5.87
N VAL B 261 -18.56 -12.37 6.97
CA VAL B 261 -18.23 -10.97 7.21
C VAL B 261 -16.94 -10.83 8.01
N ARG B 262 -16.39 -9.63 8.04
CA ARG B 262 -15.11 -9.36 8.70
C ARG B 262 -15.30 -8.66 10.05
N LEU B 263 -14.88 -9.32 11.12
CA LEU B 263 -14.99 -8.77 12.48
C LEU B 263 -13.84 -7.80 12.75
N VAL B 264 -14.17 -6.60 13.24
CA VAL B 264 -13.15 -5.55 13.40
C VAL B 264 -13.06 -4.96 14.83
N GLY B 265 -14.14 -5.03 15.59
CA GLY B 265 -14.15 -4.46 16.93
C GLY B 265 -15.29 -4.92 17.81
N TRP B 266 -15.36 -4.34 19.01
CA TRP B 266 -16.49 -4.56 19.90
C TRP B 266 -16.70 -3.34 20.81
N GLY B 267 -17.84 -3.30 21.47
CA GLY B 267 -18.13 -2.26 22.45
C GLY B 267 -19.45 -2.49 23.17
N THR B 268 -19.92 -1.46 23.84
CA THR B 268 -21.21 -1.50 24.49
C THR B 268 -22.00 -0.21 24.25
N SER B 269 -23.21 -0.36 23.73
CA SER B 269 -24.06 0.78 23.38
C SER B 269 -25.31 0.78 24.25
N ASN B 270 -25.36 1.71 25.20
CA ASN B 270 -26.46 1.80 26.18
C ASN B 270 -26.64 0.52 27.00
N GLY B 271 -25.52 -0.03 27.48
CA GLY B 271 -25.55 -1.26 28.29
C GLY B 271 -25.83 -2.52 27.48
N VAL B 272 -25.85 -2.37 26.15
CA VAL B 272 -25.97 -3.52 25.25
C VAL B 272 -24.65 -3.78 24.53
N PRO B 273 -23.98 -4.90 24.86
CA PRO B 273 -22.73 -5.28 24.20
C PRO B 273 -22.91 -5.60 22.72
N TYR B 274 -21.91 -5.24 21.91
CA TYR B 274 -21.99 -5.44 20.46
C TYR B 274 -20.66 -5.83 19.82
N TRP B 275 -20.74 -6.47 18.65
CA TRP B 275 -19.62 -6.56 17.72
C TRP B 275 -19.75 -5.44 16.70
N LYS B 276 -18.62 -4.87 16.31
CA LYS B 276 -18.56 -4.05 15.11
C LYS B 276 -18.10 -4.91 13.93
N ILE B 277 -18.96 -5.04 12.93
CA ILE B 277 -18.68 -5.89 11.78
C ILE B 277 -18.52 -5.03 10.53
N ALA B 278 -17.60 -5.43 9.65
CA ALA B 278 -17.50 -4.82 8.34
C ALA B 278 -18.17 -5.70 7.29
N ASN B 279 -19.24 -5.18 6.69
CA ASN B 279 -19.93 -5.88 5.62
C ASN B 279 -19.23 -5.68 4.29
N SER B 280 -19.74 -6.33 3.24
CA SER B 280 -19.13 -6.26 1.92
C SER B 280 -20.11 -5.72 0.87
N TRP B 281 -20.97 -4.80 1.29
CA TRP B 281 -21.93 -4.16 0.39
C TRP B 281 -21.62 -2.67 0.21
N ASN B 282 -20.32 -2.36 0.09
CA ASN B 282 -19.82 -0.98 0.00
C ASN B 282 -20.27 -0.02 1.11
N THR B 283 -19.78 1.23 1.06
CA THR B 283 -19.90 2.16 2.18
C THR B 283 -21.29 2.76 2.34
N GLU B 284 -22.15 2.54 1.34
CA GLU B 284 -23.48 3.12 1.34
C GLU B 284 -24.43 2.37 2.26
N TRP B 285 -24.23 1.06 2.38
CA TRP B 285 -25.05 0.22 3.25
C TRP B 285 -24.66 0.38 4.73
N GLY B 286 -25.67 0.40 5.61
CA GLY B 286 -25.45 0.46 7.05
C GLY B 286 -24.74 1.72 7.51
N MET B 287 -23.99 1.60 8.62
CA MET B 287 -23.21 2.72 9.14
C MET B 287 -21.85 2.80 8.44
N ASP B 288 -21.83 3.46 7.28
CA ASP B 288 -20.62 3.62 6.47
C ASP B 288 -20.00 2.30 6.03
N GLY B 289 -20.84 1.28 5.84
CA GLY B 289 -20.37 -0.05 5.43
C GLY B 289 -20.34 -1.06 6.58
N TYR B 290 -20.32 -0.55 7.81
CA TYR B 290 -20.26 -1.39 8.99
C TYR B 290 -21.65 -1.69 9.51
N PHE B 291 -21.76 -2.71 10.36
CA PHE B 291 -22.95 -2.90 11.18
C PHE B 291 -22.60 -3.40 12.57
N LEU B 292 -23.36 -2.93 13.56
CA LEU B 292 -23.23 -3.44 14.92
C LEU B 292 -24.26 -4.55 15.15
N ILE B 293 -23.84 -5.61 15.84
CA ILE B 293 -24.72 -6.73 16.17
C ILE B 293 -24.50 -7.14 17.63
N ARG B 294 -25.56 -7.63 18.27
CA ARG B 294 -25.51 -7.99 19.69
C ARG B 294 -24.43 -9.04 19.97
N ARG B 295 -23.76 -8.89 21.11
CA ARG B 295 -22.65 -9.75 21.48
C ARG B 295 -22.93 -10.43 22.82
N GLY B 296 -22.71 -11.74 22.88
CA GLY B 296 -22.84 -12.48 24.12
C GLY B 296 -23.54 -13.81 23.96
N SER B 297 -24.64 -13.82 23.20
CA SER B 297 -25.49 -15.00 23.09
C SER B 297 -25.61 -15.51 21.66
N SER B 298 -24.51 -15.41 20.91
CA SER B 298 -24.43 -15.91 19.53
C SER B 298 -25.64 -15.48 18.68
N GLU B 299 -25.79 -14.18 18.50
CA GLU B 299 -26.85 -13.62 17.67
C GLU B 299 -26.77 -14.15 16.24
N CYS B 300 -27.84 -14.82 15.80
CA CYS B 300 -27.90 -15.38 14.45
C CYS B 300 -26.76 -16.36 14.16
N GLY B 301 -26.21 -16.94 15.22
CA GLY B 301 -25.11 -17.91 15.10
C GLY B 301 -23.77 -17.29 14.77
N ILE B 302 -23.64 -15.98 15.03
CA ILE B 302 -22.42 -15.23 14.70
C ILE B 302 -21.19 -15.70 15.48
N GLU B 303 -21.41 -16.23 16.69
CA GLU B 303 -20.30 -16.65 17.56
C GLU B 303 -19.98 -18.15 17.46
N ASP B 304 -20.60 -18.83 16.49
CA ASP B 304 -20.47 -20.28 16.37
C ASP B 304 -19.13 -20.70 15.74
N GLY B 305 -18.59 -19.88 14.85
CA GLY B 305 -17.36 -20.23 14.17
C GLY B 305 -16.70 -19.04 13.49
N GLY B 306 -15.45 -18.80 13.85
CA GLY B 306 -14.60 -17.86 13.11
C GLY B 306 -13.43 -18.57 12.45
N SER B 307 -12.93 -18.00 11.36
CA SER B 307 -11.76 -18.54 10.66
C SER B 307 -10.63 -17.52 10.65
N ALA B 308 -9.42 -17.96 10.98
CA ALA B 308 -8.27 -17.07 10.98
C ALA B 308 -6.97 -17.79 10.63
N GLY B 309 -5.87 -17.03 10.59
CA GLY B 309 -4.56 -17.57 10.28
C GLY B 309 -3.48 -16.52 10.39
N ILE B 310 -2.23 -16.95 10.35
CA ILE B 310 -1.10 -16.03 10.47
C ILE B 310 -0.32 -15.94 9.15
N PRO B 311 -0.37 -14.76 8.50
CA PRO B 311 0.37 -14.52 7.25
C PRO B 311 1.87 -14.71 7.45
N LEU B 312 2.54 -15.24 6.41
CA LEU B 312 3.97 -15.43 6.46
C LEU B 312 4.69 -14.21 5.88
N ALA B 313 5.48 -13.54 6.72
CA ALA B 313 6.32 -12.44 6.27
C ALA B 313 7.23 -12.91 5.12
N PRO B 314 7.21 -12.18 3.99
CA PRO B 314 8.04 -12.53 2.84
C PRO B 314 9.50 -12.13 3.05
C1 NAG C . 17.22 3.78 14.99
C2 NAG C . 16.73 5.02 14.26
C3 NAG C . 17.10 6.28 15.04
C4 NAG C . 16.77 6.17 16.54
C5 NAG C . 17.19 4.79 17.10
C6 NAG C . 16.74 4.60 18.55
C7 NAG C . 16.57 5.00 11.83
C8 NAG C . 17.33 5.05 10.53
N2 NAG C . 17.31 5.05 12.94
O3 NAG C . 16.42 7.38 14.49
O4 NAG C . 17.48 7.19 17.22
O5 NAG C . 16.67 3.75 16.30
O6 NAG C . 15.39 4.19 18.59
O7 NAG C . 15.34 4.92 11.83
C1 NAG C . 16.58 8.14 17.84
C2 NAG C . 17.39 8.99 18.83
C3 NAG C . 16.58 10.17 19.41
C4 NAG C . 15.74 10.87 18.35
C5 NAG C . 14.99 9.85 17.49
C6 NAG C . 14.14 10.51 16.41
C7 NAG C . 19.06 7.54 19.89
C8 NAG C . 19.41 6.73 21.11
N2 NAG C . 17.88 8.16 19.93
O3 NAG C . 17.47 11.10 19.99
O4 NAG C . 14.82 11.74 18.99
O5 NAG C . 15.93 8.98 16.89
O6 NAG C . 14.96 11.11 15.43
O7 NAG C . 19.83 7.60 18.94
C1 NAG D . -8.73 -14.03 -15.13
C2 NAG D . -9.63 -13.29 -14.15
C3 NAG D . -10.94 -12.95 -14.85
C4 NAG D . -10.64 -12.11 -16.07
C5 NAG D . -9.60 -12.81 -16.97
C6 NAG D . -9.13 -11.88 -18.07
C7 NAG D . -9.56 -13.60 -11.74
C8 NAG D . -9.79 -14.53 -10.61
N2 NAG D . -9.83 -14.07 -12.95
O3 NAG D . -11.77 -12.22 -14.00
O4 NAG D . -11.84 -11.81 -16.79
O5 NAG D . -8.46 -13.20 -16.23
O6 NAG D . -8.37 -12.64 -19.00
O7 NAG D . -9.14 -12.46 -11.52
C1 NAG D . -12.04 -10.44 -17.18
C2 NAG D . -13.50 -10.01 -17.23
C3 NAG D . -13.62 -8.57 -17.71
C4 NAG D . -12.78 -7.68 -16.81
C5 NAG D . -11.35 -8.23 -16.71
C6 NAG D . -10.51 -7.39 -15.75
C7 NAG D . -14.00 -11.34 -19.25
C8 NAG D . -15.00 -12.26 -19.90
N2 NAG D . -14.34 -10.91 -18.03
O3 NAG D . -14.97 -8.14 -17.70
O4 NAG D . -12.75 -6.35 -17.30
O5 NAG D . -11.35 -9.58 -16.30
O6 NAG D . -11.34 -6.68 -14.86
O7 NAG D . -12.97 -11.03 -19.85
C1 GOL E . 9.17 9.46 3.33
O1 GOL E . 9.11 10.82 3.72
C2 GOL E . 10.55 9.13 2.76
O2 GOL E . 11.52 9.93 3.40
C3 GOL E . 10.58 9.40 1.26
O3 GOL E . 11.36 8.44 0.57
C1 GOL F . 21.12 21.55 -0.74
O1 GOL F . 20.32 22.38 -1.56
C2 GOL F . 21.78 22.37 0.36
O2 GOL F . 21.10 23.59 0.53
C3 GOL F . 23.24 22.64 0.00
O3 GOL F . 24.04 21.58 0.46
NA NA G . 21.24 9.65 -24.21
C1 GOL H . -0.09 9.30 -21.95
O1 GOL H . -1.33 8.67 -22.17
C2 GOL H . 0.84 8.38 -21.14
O2 GOL H . 1.59 9.16 -20.24
C3 GOL H . 1.77 7.62 -22.08
O3 GOL H . 1.88 6.27 -21.66
C1 GOL I . -13.61 -6.75 -3.38
O1 GOL I . -12.68 -7.56 -2.69
C2 GOL I . -13.32 -5.29 -3.09
O2 GOL I . -14.42 -4.49 -3.49
C3 GOL I . -12.08 -4.86 -3.87
O3 GOL I . -10.94 -5.04 -3.05
C1 GOL J . -23.26 -17.55 1.05
O1 GOL J . -23.34 -16.95 -0.22
C2 GOL J . -22.37 -18.78 1.00
O2 GOL J . -21.02 -18.38 1.14
C3 GOL J . -22.73 -19.76 2.11
O3 GOL J . -22.12 -19.38 3.32
C1 GOL K . -8.40 0.71 20.82
O1 GOL K . -9.19 -0.41 20.47
C2 GOL K . -7.61 0.41 22.09
O2 GOL K . -7.13 1.62 22.63
C3 GOL K . -6.43 -0.50 21.75
O3 GOL K . -6.43 -1.62 22.61
NA NA L . -14.85 -18.75 24.01
CL CL M . -34.84 -8.18 23.80
#